data_4Q9O
#
_entry.id   4Q9O
#
_cell.length_a   111.590
_cell.length_b   131.530
_cell.length_c   53.170
_cell.angle_alpha   90.00
_cell.angle_beta   102.29
_cell.angle_gamma   90.00
#
_symmetry.space_group_name_H-M   'C 1 2 1'
#
loop_
_entity.id
_entity.type
_entity.pdbx_description
1 polymer 'Isoprenyl transferase'
2 non-polymer 3-(2-chlorophenyl)-5-methyl-N-[4-(propan-2-yl)phenyl]-1,2-oxazole-4-carboxamide
3 non-polymer 'SULFATE ION'
4 water water
#
_entity_poly.entity_id   1
_entity_poly.type   'polypeptide(L)'
_entity_poly.pdbx_seq_one_letter_code
;GSMAVEVEVPTQVPAHIGIIMDGNGRWAKKRMQPRVFGHKAGMEALQTVTKAANKLGVKVITVYAFSTENWTRPDQEVKF
IMNLPVEFYDNYVPELHANNVKIQMIGETDRLPKQTFEALTKAEELTKNNTGLILNFALNYGGRAEITQALKLISQDVLD
AKINPGDITEELIGNYLFTQHLPKDLRDPDLIIRTSGELRLSNFLPWQGAYSELYFTDTLWPDFDEAALQEAILAYNRRH
RRFGGV
;
_entity_poly.pdbx_strand_id   A,B
#
# COMPACT_ATOMS: atom_id res chain seq x y z
N GLY A 1 8.48 -42.90 6.55
CA GLY A 1 7.33 -43.61 7.06
C GLY A 1 6.12 -42.75 7.38
N SER A 2 5.24 -42.58 6.38
CA SER A 2 3.99 -41.82 6.50
C SER A 2 2.86 -42.40 5.62
N MET A 3 1.60 -41.96 5.86
CA MET A 3 0.40 -42.41 5.13
C MET A 3 -0.41 -41.22 4.62
N ALA A 4 -0.79 -41.26 3.33
CA ALA A 4 -1.59 -40.20 2.69
C ALA A 4 -3.06 -40.27 3.15
N VAL A 5 -3.46 -39.30 3.98
CA VAL A 5 -4.81 -39.18 4.54
C VAL A 5 -5.35 -37.77 4.27
N GLU A 6 -6.62 -37.64 3.91
CA GLU A 6 -7.24 -36.33 3.68
C GLU A 6 -7.88 -35.80 4.98
N VAL A 7 -7.67 -34.50 5.29
CA VAL A 7 -8.22 -33.87 6.50
C VAL A 7 -9.13 -32.68 6.15
N GLU A 8 -10.28 -32.57 6.86
CA GLU A 8 -11.27 -31.50 6.71
C GLU A 8 -10.79 -30.32 7.55
N VAL A 9 -10.20 -29.31 6.89
CA VAL A 9 -9.66 -28.14 7.59
C VAL A 9 -10.43 -26.85 7.20
N PRO A 10 -10.97 -26.10 8.20
CA PRO A 10 -11.70 -24.86 7.86
C PRO A 10 -10.77 -23.74 7.41
N THR A 11 -10.99 -23.27 6.17
CA THR A 11 -10.19 -22.21 5.55
C THR A 11 -11.04 -21.03 5.13
N GLN A 12 -10.59 -19.83 5.48
CA GLN A 12 -11.23 -18.57 5.14
C GLN A 12 -10.78 -18.16 3.73
N VAL A 13 -11.74 -17.99 2.78
CA VAL A 13 -11.46 -17.56 1.40
C VAL A 13 -11.53 -16.02 1.35
N PRO A 14 -10.47 -15.25 0.93
CA PRO A 14 -10.59 -13.78 0.89
C PRO A 14 -11.66 -13.33 -0.10
N ALA A 15 -12.56 -12.46 0.36
CA ALA A 15 -13.68 -11.95 -0.44
C ALA A 15 -13.21 -11.15 -1.66
N HIS A 16 -12.17 -10.31 -1.51
CA HIS A 16 -11.65 -9.48 -2.60
C HIS A 16 -10.15 -9.67 -2.72
N ILE A 17 -9.69 -10.09 -3.92
CA ILE A 17 -8.27 -10.29 -4.22
C ILE A 17 -7.83 -9.32 -5.30
N GLY A 18 -6.74 -8.59 -5.04
CA GLY A 18 -6.12 -7.69 -5.99
C GLY A 18 -4.96 -8.43 -6.62
N ILE A 19 -4.77 -8.32 -7.96
CA ILE A 19 -3.67 -9.02 -8.62
C ILE A 19 -2.88 -8.10 -9.55
N ILE A 20 -1.56 -8.07 -9.37
CA ILE A 20 -0.63 -7.36 -10.26
C ILE A 20 -0.03 -8.51 -11.09
N MET A 21 -0.46 -8.61 -12.35
CA MET A 21 -0.13 -9.69 -13.29
C MET A 21 1.20 -9.47 -14.02
N ASP A 22 2.29 -9.44 -13.25
CA ASP A 22 3.62 -9.25 -13.77
C ASP A 22 4.24 -10.54 -14.31
N GLY A 23 5.14 -10.38 -15.28
CA GLY A 23 5.91 -11.45 -15.87
C GLY A 23 5.46 -11.97 -17.21
N ASN A 24 4.53 -11.28 -17.91
CA ASN A 24 4.06 -11.71 -19.25
C ASN A 24 5.20 -11.69 -20.27
N GLY A 25 5.93 -10.58 -20.32
CA GLY A 25 7.07 -10.40 -21.21
C GLY A 25 8.23 -11.32 -20.90
N ARG A 26 8.53 -11.54 -19.59
CA ARG A 26 9.60 -12.42 -19.09
C ARG A 26 9.32 -13.86 -19.50
N TRP A 27 8.05 -14.27 -19.39
CA TRP A 27 7.56 -15.59 -19.77
C TRP A 27 7.78 -15.85 -21.28
N ALA A 28 7.43 -14.85 -22.13
CA ALA A 28 7.56 -14.92 -23.59
C ALA A 28 9.01 -14.93 -24.05
N LYS A 29 9.85 -14.02 -23.49
CA LYS A 29 11.28 -13.91 -23.82
C LYS A 29 12.06 -15.19 -23.45
N LYS A 30 11.63 -15.88 -22.36
CA LYS A 30 12.16 -17.16 -21.84
C LYS A 30 11.86 -18.28 -22.82
N ARG A 31 10.73 -18.16 -23.56
CA ARG A 31 10.25 -19.07 -24.57
C ARG A 31 10.65 -18.63 -26.00
N MET A 32 11.66 -17.72 -26.11
CA MET A 32 12.19 -17.17 -27.36
C MET A 32 11.09 -16.58 -28.23
N GLN A 33 10.09 -15.96 -27.58
CA GLN A 33 8.94 -15.36 -28.23
C GLN A 33 8.88 -13.86 -27.96
N PRO A 34 8.29 -13.04 -28.87
CA PRO A 34 8.18 -11.60 -28.59
C PRO A 34 7.28 -11.37 -27.37
N ARG A 35 7.57 -10.31 -26.57
CA ARG A 35 6.84 -9.94 -25.33
C ARG A 35 5.33 -10.04 -25.47
N VAL A 36 4.78 -9.65 -26.65
CA VAL A 36 3.35 -9.64 -26.97
C VAL A 36 2.68 -11.03 -26.83
N PHE A 37 3.42 -12.12 -27.15
CA PHE A 37 2.98 -13.53 -27.05
C PHE A 37 2.61 -13.86 -25.59
N GLY A 38 3.36 -13.26 -24.64
CA GLY A 38 3.18 -13.41 -23.20
C GLY A 38 1.88 -12.83 -22.67
N HIS A 39 1.46 -11.68 -23.23
CA HIS A 39 0.21 -11.01 -22.87
C HIS A 39 -1.01 -11.83 -23.30
N LYS A 40 -0.92 -12.54 -24.44
CA LYS A 40 -1.97 -13.45 -24.90
C LYS A 40 -2.07 -14.63 -23.90
N ALA A 41 -0.91 -15.14 -23.45
CA ALA A 41 -0.79 -16.24 -22.47
C ALA A 41 -1.32 -15.82 -21.09
N GLY A 42 -1.23 -14.52 -20.79
CA GLY A 42 -1.72 -13.92 -19.55
C GLY A 42 -3.23 -13.98 -19.45
N MET A 43 -3.91 -13.93 -20.64
CA MET A 43 -5.38 -14.03 -20.77
C MET A 43 -5.82 -15.43 -20.35
N GLU A 44 -5.04 -16.44 -20.75
CA GLU A 44 -5.29 -17.83 -20.40
C GLU A 44 -5.21 -18.03 -18.89
N ALA A 45 -4.16 -17.47 -18.27
CA ALA A 45 -3.94 -17.53 -16.83
C ALA A 45 -5.10 -16.87 -16.07
N LEU A 46 -5.53 -15.65 -16.50
CA LEU A 46 -6.64 -14.94 -15.88
C LEU A 46 -7.93 -15.74 -16.01
N GLN A 47 -8.18 -16.38 -17.18
CA GLN A 47 -9.37 -17.21 -17.38
C GLN A 47 -9.42 -18.34 -16.35
N THR A 48 -8.29 -19.05 -16.16
CA THR A 48 -8.12 -20.16 -15.21
C THR A 48 -8.40 -19.70 -13.77
N VAL A 49 -7.72 -18.60 -13.34
CA VAL A 49 -7.81 -18.00 -12.01
C VAL A 49 -9.22 -17.49 -11.73
N THR A 50 -9.83 -16.76 -12.69
CA THR A 50 -11.18 -16.21 -12.55
C THR A 50 -12.21 -17.33 -12.33
N LYS A 51 -12.18 -18.38 -13.17
CA LYS A 51 -13.11 -19.52 -13.05
C LYS A 51 -12.94 -20.28 -11.73
N ALA A 52 -11.67 -20.57 -11.34
CA ALA A 52 -11.35 -21.27 -10.11
C ALA A 52 -11.70 -20.46 -8.86
N ALA A 53 -11.39 -19.15 -8.84
CA ALA A 53 -11.70 -18.26 -7.71
C ALA A 53 -13.22 -18.12 -7.52
N ASN A 54 -13.99 -18.11 -8.63
CA ASN A 54 -15.44 -18.07 -8.62
C ASN A 54 -16.02 -19.31 -7.91
N LYS A 55 -15.49 -20.50 -8.23
CA LYS A 55 -15.90 -21.78 -7.60
C LYS A 55 -15.51 -21.79 -6.10
N LEU A 56 -14.36 -21.22 -5.75
CA LEU A 56 -13.84 -21.16 -4.39
C LEU A 56 -14.61 -20.21 -3.43
N GLY A 57 -15.38 -19.27 -3.98
CA GLY A 57 -16.18 -18.34 -3.19
C GLY A 57 -15.65 -16.92 -3.11
N VAL A 58 -14.60 -16.60 -3.90
CA VAL A 58 -14.01 -15.25 -3.97
C VAL A 58 -15.09 -14.36 -4.61
N LYS A 59 -15.36 -13.19 -3.99
CA LYS A 59 -16.37 -12.26 -4.47
C LYS A 59 -15.86 -11.30 -5.53
N VAL A 60 -14.61 -10.84 -5.39
CA VAL A 60 -14.04 -9.86 -6.31
C VAL A 60 -12.57 -10.20 -6.63
N ILE A 61 -12.17 -9.96 -7.89
CA ILE A 61 -10.79 -9.96 -8.34
C ILE A 61 -10.60 -8.63 -9.07
N THR A 62 -9.70 -7.75 -8.57
CA THR A 62 -9.33 -6.53 -9.26
C THR A 62 -7.94 -6.80 -9.85
N VAL A 63 -7.83 -6.76 -11.19
CA VAL A 63 -6.55 -7.01 -11.85
C VAL A 63 -5.93 -5.71 -12.39
N TYR A 64 -4.62 -5.56 -12.23
CA TYR A 64 -3.90 -4.38 -12.73
C TYR A 64 -3.55 -4.67 -14.20
N ALA A 65 -4.53 -4.45 -15.07
CA ALA A 65 -4.42 -4.76 -16.48
C ALA A 65 -3.60 -3.75 -17.28
N PHE A 66 -3.77 -2.45 -17.01
CA PHE A 66 -3.01 -1.44 -17.73
C PHE A 66 -2.87 -0.19 -16.88
N SER A 67 -1.62 0.15 -16.53
CA SER A 67 -1.30 1.35 -15.75
C SER A 67 -1.10 2.54 -16.66
N THR A 68 -1.08 3.73 -16.07
CA THR A 68 -0.83 5.00 -16.77
C THR A 68 0.61 5.03 -17.36
N GLU A 69 1.58 4.37 -16.69
CA GLU A 69 2.98 4.25 -17.09
C GLU A 69 3.16 3.28 -18.27
N ASN A 70 2.17 2.38 -18.51
CA ASN A 70 2.26 1.42 -19.59
C ASN A 70 2.13 2.07 -20.98
N TRP A 71 1.60 3.30 -21.06
CA TRP A 71 1.47 4.05 -22.32
C TRP A 71 2.86 4.40 -22.90
N THR A 72 3.89 4.48 -22.03
CA THR A 72 5.29 4.81 -22.40
C THR A 72 6.00 3.66 -23.15
N ARG A 73 5.42 2.44 -23.11
CA ARG A 73 5.94 1.27 -23.81
C ARG A 73 5.89 1.49 -25.34
N PRO A 74 6.62 0.69 -26.19
CA PRO A 74 6.55 0.93 -27.65
C PRO A 74 5.13 0.86 -28.21
N ASP A 75 4.81 1.78 -29.15
CA ASP A 75 3.50 1.93 -29.79
C ASP A 75 2.86 0.62 -30.27
N GLN A 76 3.65 -0.23 -30.96
CA GLN A 76 3.18 -1.51 -31.49
C GLN A 76 2.79 -2.49 -30.38
N GLU A 77 3.50 -2.43 -29.22
CA GLU A 77 3.23 -3.25 -28.05
C GLU A 77 1.91 -2.80 -27.39
N VAL A 78 1.72 -1.45 -27.20
CA VAL A 78 0.50 -0.85 -26.63
C VAL A 78 -0.72 -1.19 -27.51
N LYS A 79 -0.56 -1.06 -28.85
CA LYS A 79 -1.59 -1.37 -29.84
C LYS A 79 -2.03 -2.83 -29.77
N PHE A 80 -1.06 -3.75 -29.65
CA PHE A 80 -1.31 -5.19 -29.53
C PHE A 80 -2.10 -5.47 -28.25
N ILE A 81 -1.64 -4.93 -27.10
CA ILE A 81 -2.28 -5.08 -25.79
C ILE A 81 -3.74 -4.59 -25.83
N MET A 82 -3.95 -3.38 -26.38
CA MET A 82 -5.28 -2.76 -26.53
C MET A 82 -6.23 -3.59 -27.39
N ASN A 83 -5.68 -4.33 -28.38
CA ASN A 83 -6.44 -5.16 -29.31
C ASN A 83 -6.87 -6.52 -28.73
N LEU A 84 -6.20 -7.01 -27.66
CA LEU A 84 -6.50 -8.30 -27.04
C LEU A 84 -8.00 -8.48 -26.66
N PRO A 85 -8.68 -7.56 -25.90
CA PRO A 85 -10.11 -7.75 -25.63
C PRO A 85 -11.02 -7.56 -26.87
N VAL A 86 -10.49 -6.92 -27.94
CA VAL A 86 -11.22 -6.68 -29.18
C VAL A 86 -11.22 -7.96 -30.03
N GLU A 87 -10.04 -8.51 -30.32
CA GLU A 87 -9.87 -9.70 -31.14
C GLU A 87 -10.26 -11.00 -30.46
N PHE A 88 -9.97 -11.14 -29.14
CA PHE A 88 -10.21 -12.41 -28.44
C PHE A 88 -11.41 -12.42 -27.48
N TYR A 89 -12.39 -11.53 -27.74
CA TYR A 89 -13.62 -11.38 -26.96
C TYR A 89 -14.37 -12.72 -26.87
N ASP A 90 -14.62 -13.37 -28.03
CA ASP A 90 -15.37 -14.63 -28.13
C ASP A 90 -14.69 -15.82 -27.43
N ASN A 91 -13.36 -15.73 -27.27
CA ASN A 91 -12.53 -16.78 -26.66
C ASN A 91 -12.66 -16.85 -25.13
N TYR A 92 -13.03 -15.72 -24.49
CA TYR A 92 -13.10 -15.67 -23.04
C TYR A 92 -14.44 -15.23 -22.44
N VAL A 93 -15.01 -14.13 -22.93
CA VAL A 93 -16.25 -13.50 -22.39
C VAL A 93 -17.46 -14.47 -22.37
N PRO A 94 -17.89 -15.15 -23.48
CA PRO A 94 -19.06 -16.06 -23.34
C PRO A 94 -18.90 -17.14 -22.27
N GLU A 95 -17.67 -17.65 -22.10
CA GLU A 95 -17.36 -18.67 -21.09
C GLU A 95 -17.45 -18.07 -19.68
N LEU A 96 -16.93 -16.84 -19.46
CA LEU A 96 -17.02 -16.19 -18.15
C LEU A 96 -18.48 -15.93 -17.79
N HIS A 97 -19.28 -15.48 -18.78
CA HIS A 97 -20.72 -15.23 -18.62
C HIS A 97 -21.45 -16.52 -18.27
N ALA A 98 -21.11 -17.64 -18.94
CA ALA A 98 -21.70 -18.94 -18.64
C ALA A 98 -21.31 -19.39 -17.21
N ASN A 99 -20.19 -18.87 -16.69
CA ASN A 99 -19.70 -19.17 -15.34
C ASN A 99 -20.27 -18.22 -14.26
N ASN A 100 -21.21 -17.32 -14.64
CA ASN A 100 -21.90 -16.35 -13.76
C ASN A 100 -20.92 -15.32 -13.19
N VAL A 101 -19.89 -14.99 -13.97
CA VAL A 101 -18.87 -14.01 -13.58
C VAL A 101 -19.32 -12.63 -14.11
N LYS A 102 -19.24 -11.59 -13.25
CA LYS A 102 -19.61 -10.25 -13.67
C LYS A 102 -18.35 -9.46 -14.06
N ILE A 103 -18.31 -8.89 -15.29
CA ILE A 103 -17.15 -8.12 -15.74
C ILE A 103 -17.37 -6.62 -15.55
N GLN A 104 -16.39 -5.95 -14.92
CA GLN A 104 -16.42 -4.50 -14.67
C GLN A 104 -15.04 -3.97 -14.93
N MET A 105 -14.92 -2.65 -15.00
CA MET A 105 -13.63 -1.98 -15.16
C MET A 105 -13.53 -0.71 -14.33
N ILE A 106 -12.32 -0.34 -13.95
CA ILE A 106 -12.00 0.88 -13.21
C ILE A 106 -10.83 1.57 -13.88
N GLY A 107 -10.75 2.88 -13.73
CA GLY A 107 -9.68 3.69 -14.31
C GLY A 107 -10.20 4.80 -15.18
N GLU A 108 -9.29 5.55 -15.82
CA GLU A 108 -9.64 6.64 -16.75
C GLU A 108 -9.86 5.97 -18.12
N THR A 109 -10.90 5.13 -18.17
CA THR A 109 -11.29 4.25 -19.26
C THR A 109 -11.80 5.00 -20.51
N ASP A 110 -12.03 6.32 -20.41
CA ASP A 110 -12.47 7.14 -21.55
C ASP A 110 -11.30 7.40 -22.51
N ARG A 111 -10.07 7.27 -22.02
CA ARG A 111 -8.83 7.46 -22.77
C ARG A 111 -8.38 6.19 -23.53
N LEU A 112 -9.16 5.09 -23.43
CA LEU A 112 -8.87 3.84 -24.13
C LEU A 112 -9.26 3.98 -25.63
N PRO A 113 -8.60 3.26 -26.56
CA PRO A 113 -9.03 3.33 -27.97
C PRO A 113 -10.49 2.88 -28.12
N LYS A 114 -11.25 3.55 -29.01
CA LYS A 114 -12.68 3.33 -29.25
C LYS A 114 -13.10 1.84 -29.24
N GLN A 115 -12.36 1.00 -29.99
CA GLN A 115 -12.61 -0.44 -30.12
C GLN A 115 -12.42 -1.19 -28.82
N THR A 116 -11.40 -0.83 -28.03
CA THR A 116 -11.08 -1.43 -26.72
C THR A 116 -12.22 -1.17 -25.76
N PHE A 117 -12.61 0.11 -25.62
CA PHE A 117 -13.69 0.58 -24.76
C PHE A 117 -15.01 -0.13 -25.13
N GLU A 118 -15.28 -0.25 -26.43
CA GLU A 118 -16.47 -0.92 -26.96
C GLU A 118 -16.50 -2.39 -26.56
N ALA A 119 -15.35 -3.08 -26.67
CA ALA A 119 -15.23 -4.50 -26.31
C ALA A 119 -15.47 -4.71 -24.81
N LEU A 120 -14.90 -3.82 -23.95
CA LEU A 120 -15.09 -3.91 -22.50
C LEU A 120 -16.53 -3.59 -22.11
N THR A 121 -17.15 -2.54 -22.72
CA THR A 121 -18.54 -2.14 -22.51
C THR A 121 -19.50 -3.27 -22.89
N LYS A 122 -19.25 -3.94 -24.04
CA LYS A 122 -20.05 -5.07 -24.51
C LYS A 122 -20.03 -6.20 -23.45
N ALA A 123 -18.83 -6.49 -22.87
CA ALA A 123 -18.62 -7.51 -21.84
C ALA A 123 -19.32 -7.15 -20.52
N GLU A 124 -19.31 -5.83 -20.15
CA GLU A 124 -19.98 -5.30 -18.96
C GLU A 124 -21.48 -5.53 -19.11
N GLU A 125 -22.05 -5.10 -20.24
CA GLU A 125 -23.48 -5.16 -20.54
C GLU A 125 -24.00 -6.59 -20.58
N LEU A 126 -23.19 -7.51 -21.08
CA LEU A 126 -23.53 -8.92 -21.16
C LEU A 126 -23.65 -9.56 -19.77
N THR A 127 -22.69 -9.29 -18.89
CA THR A 127 -22.57 -9.89 -17.57
C THR A 127 -23.13 -9.06 -16.41
N LYS A 128 -23.77 -7.90 -16.67
CA LYS A 128 -24.23 -6.98 -15.62
C LYS A 128 -25.20 -7.56 -14.56
N ASN A 129 -25.96 -8.62 -14.89
CA ASN A 129 -26.93 -9.26 -13.99
C ASN A 129 -26.33 -10.47 -13.26
N ASN A 130 -25.09 -10.84 -13.60
CA ASN A 130 -24.42 -12.00 -13.01
C ASN A 130 -24.14 -11.79 -11.52
N THR A 131 -24.40 -12.83 -10.74
CA THR A 131 -24.33 -12.82 -9.27
C THR A 131 -23.10 -13.47 -8.67
N GLY A 132 -22.19 -14.00 -9.50
CA GLY A 132 -20.96 -14.63 -9.05
C GLY A 132 -19.86 -13.61 -8.88
N LEU A 133 -18.61 -14.09 -8.89
CA LEU A 133 -17.39 -13.28 -8.74
C LEU A 133 -17.42 -12.09 -9.73
N ILE A 134 -16.95 -10.92 -9.27
CA ILE A 134 -16.80 -9.71 -10.07
C ILE A 134 -15.33 -9.64 -10.53
N LEU A 135 -15.09 -9.71 -11.85
CA LEU A 135 -13.75 -9.59 -12.41
C LEU A 135 -13.65 -8.13 -12.83
N ASN A 136 -12.84 -7.40 -12.07
CA ASN A 136 -12.71 -5.96 -12.19
C ASN A 136 -11.37 -5.57 -12.78
N PHE A 137 -11.39 -5.06 -14.04
CA PHE A 137 -10.17 -4.63 -14.77
C PHE A 137 -9.77 -3.19 -14.47
N ALA A 138 -8.57 -2.99 -13.89
CA ALA A 138 -8.04 -1.64 -13.66
C ALA A 138 -7.27 -1.28 -14.95
N LEU A 139 -7.87 -0.39 -15.76
CA LEU A 139 -7.42 0.02 -17.10
C LEU A 139 -7.19 1.49 -17.17
N ASN A 140 -5.99 1.89 -17.63
CA ASN A 140 -5.51 3.26 -17.63
C ASN A 140 -5.70 3.75 -16.17
N TYR A 141 -5.15 2.95 -15.25
CA TYR A 141 -5.28 3.15 -13.83
C TYR A 141 -3.96 3.51 -13.13
N GLY A 142 -4.06 4.44 -12.19
CA GLY A 142 -3.00 4.89 -11.29
C GLY A 142 -3.66 5.26 -9.99
N GLY A 143 -3.16 4.73 -8.88
CA GLY A 143 -3.73 4.97 -7.55
C GLY A 143 -3.78 6.42 -7.13
N ARG A 144 -2.66 7.15 -7.26
CA ARG A 144 -2.57 8.56 -6.92
C ARG A 144 -3.51 9.40 -7.80
N ALA A 145 -3.61 9.07 -9.10
CA ALA A 145 -4.49 9.75 -10.08
C ALA A 145 -5.96 9.51 -9.71
N GLU A 146 -6.30 8.30 -9.25
CA GLU A 146 -7.63 7.93 -8.76
C GLU A 146 -8.00 8.81 -7.54
N ILE A 147 -7.10 8.89 -6.53
CA ILE A 147 -7.31 9.75 -5.36
C ILE A 147 -7.46 11.21 -5.78
N THR A 148 -6.62 11.68 -6.70
CA THR A 148 -6.60 13.05 -7.21
C THR A 148 -7.95 13.42 -7.84
N GLN A 149 -8.48 12.58 -8.75
CA GLN A 149 -9.77 12.83 -9.40
C GLN A 149 -10.92 12.81 -8.40
N ALA A 150 -10.82 11.98 -7.33
CA ALA A 150 -11.83 11.91 -6.27
C ALA A 150 -11.86 13.29 -5.54
N LEU A 151 -10.69 13.90 -5.28
CA LEU A 151 -10.63 15.24 -4.68
C LEU A 151 -11.17 16.27 -5.64
N LYS A 152 -10.78 16.21 -6.93
CA LYS A 152 -11.23 17.12 -7.98
C LYS A 152 -12.78 17.15 -8.02
N LEU A 153 -13.42 15.97 -7.87
CA LEU A 153 -14.88 15.82 -7.83
C LEU A 153 -15.47 16.28 -6.49
N ILE A 154 -14.79 16.00 -5.36
CA ILE A 154 -15.22 16.40 -4.01
C ILE A 154 -15.21 17.94 -3.86
N SER A 155 -14.08 18.61 -4.21
CA SER A 155 -13.94 20.06 -4.12
C SER A 155 -15.01 20.80 -4.95
N GLN A 156 -15.32 20.25 -6.14
CA GLN A 156 -16.35 20.78 -7.03
C GLN A 156 -17.74 20.65 -6.41
N ASP A 157 -18.00 19.56 -5.67
CA ASP A 157 -19.28 19.35 -4.99
C ASP A 157 -19.44 20.29 -3.80
N VAL A 158 -18.31 20.67 -3.15
CA VAL A 158 -18.27 21.60 -2.01
C VAL A 158 -18.60 23.01 -2.55
N LEU A 159 -17.98 23.36 -3.70
CA LEU A 159 -18.11 24.61 -4.43
C LEU A 159 -19.55 24.85 -4.93
N ASP A 160 -20.23 23.76 -5.36
CA ASP A 160 -21.61 23.74 -5.85
C ASP A 160 -22.63 23.59 -4.69
N ALA A 161 -22.15 23.68 -3.42
CA ALA A 161 -22.92 23.54 -2.17
C ALA A 161 -23.72 22.22 -2.05
N LYS A 162 -23.32 21.20 -2.82
CA LYS A 162 -23.92 19.86 -2.82
C LYS A 162 -23.55 19.11 -1.51
N ILE A 163 -22.37 19.45 -0.92
CA ILE A 163 -21.81 18.94 0.33
C ILE A 163 -20.97 20.07 0.95
N ASN A 164 -20.80 20.06 2.26
CA ASN A 164 -19.96 21.07 2.94
C ASN A 164 -18.57 20.48 3.21
N PRO A 165 -17.51 21.26 3.58
CA PRO A 165 -16.20 20.62 3.81
C PRO A 165 -16.14 19.72 5.04
N GLY A 166 -17.16 19.83 5.91
CA GLY A 166 -17.30 19.00 7.10
C GLY A 166 -17.80 17.60 6.77
N ASP A 167 -18.30 17.41 5.52
CA ASP A 167 -18.78 16.14 4.97
C ASP A 167 -17.60 15.29 4.50
N ILE A 168 -16.43 15.93 4.32
CA ILE A 168 -15.19 15.28 3.89
C ILE A 168 -14.67 14.33 4.97
N THR A 169 -14.87 13.04 4.73
CA THR A 169 -14.48 11.95 5.62
C THR A 169 -13.87 10.84 4.78
N GLU A 170 -13.26 9.85 5.45
CA GLU A 170 -12.72 8.67 4.78
C GLU A 170 -13.83 7.93 4.03
N GLU A 171 -15.04 7.82 4.66
CA GLU A 171 -16.21 7.17 4.05
C GLU A 171 -16.63 7.85 2.73
N LEU A 172 -16.68 9.21 2.73
CA LEU A 172 -17.01 9.98 1.55
C LEU A 172 -16.00 9.71 0.43
N ILE A 173 -14.67 9.76 0.73
CA ILE A 173 -13.59 9.53 -0.23
C ILE A 173 -13.77 8.18 -0.95
N GLY A 174 -14.06 7.12 -0.18
CA GLY A 174 -14.33 5.79 -0.68
C GLY A 174 -15.46 5.75 -1.71
N ASN A 175 -16.49 6.61 -1.53
CA ASN A 175 -17.63 6.73 -2.44
C ASN A 175 -17.26 7.48 -3.73
N TYR A 176 -16.09 8.14 -3.77
CA TYR A 176 -15.63 8.90 -4.95
C TYR A 176 -14.50 8.20 -5.69
N LEU A 177 -13.98 7.09 -5.10
CA LEU A 177 -12.91 6.32 -5.74
C LEU A 177 -13.50 5.51 -6.88
N PHE A 178 -12.67 4.97 -7.80
CA PHE A 178 -13.19 4.17 -8.92
C PHE A 178 -13.90 2.91 -8.48
N THR A 179 -13.56 2.41 -7.28
CA THR A 179 -14.11 1.21 -6.64
C THR A 179 -15.50 1.42 -6.01
N GLN A 180 -16.03 2.65 -6.06
CA GLN A 180 -17.35 2.99 -5.54
C GLN A 180 -18.50 2.06 -6.03
N HIS A 181 -18.41 1.51 -7.27
CA HIS A 181 -19.47 0.64 -7.82
C HIS A 181 -19.39 -0.80 -7.30
N LEU A 182 -18.34 -1.14 -6.54
CA LEU A 182 -18.27 -2.48 -5.93
C LEU A 182 -19.14 -2.41 -4.68
N PRO A 183 -19.84 -3.49 -4.27
CA PRO A 183 -20.63 -3.41 -3.01
C PRO A 183 -19.75 -2.87 -1.89
N LYS A 184 -20.29 -1.97 -1.07
CA LYS A 184 -19.57 -1.28 0.01
C LYS A 184 -18.63 -2.16 0.88
N ASP A 185 -19.05 -3.38 1.28
CA ASP A 185 -18.17 -4.24 2.12
C ASP A 185 -17.09 -5.01 1.33
N LEU A 186 -17.09 -4.88 0.01
CA LEU A 186 -16.18 -5.55 -0.91
C LEU A 186 -15.20 -4.60 -1.63
N ARG A 187 -15.28 -3.29 -1.40
CA ARG A 187 -14.44 -2.30 -2.10
C ARG A 187 -12.94 -2.45 -1.88
N ASP A 188 -12.55 -2.93 -0.68
CA ASP A 188 -11.16 -3.08 -0.32
C ASP A 188 -10.63 -4.51 -0.47
N PRO A 189 -9.47 -4.70 -1.14
CA PRO A 189 -8.90 -6.06 -1.23
C PRO A 189 -8.46 -6.60 0.13
N ASP A 190 -8.74 -7.87 0.39
CA ASP A 190 -8.32 -8.54 1.61
C ASP A 190 -6.92 -9.10 1.40
N LEU A 191 -6.58 -9.39 0.13
CA LEU A 191 -5.30 -9.96 -0.30
C LEU A 191 -4.85 -9.34 -1.61
N ILE A 192 -3.57 -8.98 -1.70
CA ILE A 192 -2.96 -8.47 -2.93
C ILE A 192 -1.83 -9.42 -3.32
N ILE A 193 -1.97 -10.03 -4.51
CA ILE A 193 -1.00 -10.94 -5.10
C ILE A 193 -0.16 -10.20 -6.13
N ARG A 194 1.14 -10.43 -6.09
CA ARG A 194 2.07 -9.94 -7.08
C ARG A 194 3.01 -11.06 -7.53
N THR A 195 3.02 -11.32 -8.84
CA THR A 195 3.82 -12.36 -9.51
C THR A 195 5.12 -11.76 -10.05
N SER A 196 6.05 -12.63 -10.54
CA SER A 196 7.32 -12.28 -11.18
C SER A 196 8.40 -11.71 -10.19
N GLY A 197 8.25 -12.01 -8.90
CA GLY A 197 9.24 -11.67 -7.88
C GLY A 197 9.48 -10.22 -7.46
N GLU A 198 8.69 -9.26 -7.97
CA GLU A 198 8.90 -7.87 -7.53
C GLU A 198 8.16 -7.63 -6.19
N LEU A 199 8.89 -7.16 -5.19
CA LEU A 199 8.39 -6.89 -3.83
C LEU A 199 8.23 -5.41 -3.66
N ARG A 200 7.30 -4.87 -4.39
CA ARG A 200 7.08 -3.45 -4.37
C ARG A 200 5.66 -3.11 -4.63
N LEU A 201 5.34 -1.92 -4.20
CA LEU A 201 4.07 -1.28 -4.42
C LEU A 201 4.21 -0.59 -5.81
N SER A 202 3.21 -0.74 -6.69
CA SER A 202 3.22 -0.12 -8.01
C SER A 202 2.03 0.80 -8.26
N ASN A 203 1.64 1.60 -7.23
CA ASN A 203 0.54 2.57 -7.33
C ASN A 203 -0.83 1.86 -7.61
N PHE A 204 -0.95 0.60 -7.15
CA PHE A 204 -2.14 -0.21 -7.29
C PHE A 204 -2.97 -0.19 -6.01
N LEU A 205 -4.15 0.47 -6.09
CA LEU A 205 -5.12 0.58 -4.99
C LEU A 205 -4.49 1.04 -3.66
N PRO A 206 -3.72 2.16 -3.63
CA PRO A 206 -3.09 2.59 -2.35
C PRO A 206 -4.07 2.84 -1.21
N TRP A 207 -5.23 3.47 -1.48
CA TRP A 207 -6.24 3.73 -0.45
C TRP A 207 -6.94 2.44 0.00
N GLN A 208 -7.52 1.71 -0.96
CA GLN A 208 -8.31 0.48 -0.74
C GLN A 208 -7.49 -0.65 -0.18
N GLY A 209 -6.22 -0.73 -0.59
CA GLY A 209 -5.31 -1.77 -0.14
C GLY A 209 -4.48 -1.44 1.10
N ALA A 210 -4.81 -0.33 1.79
CA ALA A 210 -4.05 0.13 2.96
C ALA A 210 -3.89 -0.92 4.08
N TYR A 211 -4.84 -1.87 4.19
CA TYR A 211 -4.77 -2.91 5.23
C TYR A 211 -4.66 -4.30 4.68
N SER A 212 -4.56 -4.45 3.35
CA SER A 212 -4.51 -5.76 2.71
C SER A 212 -3.34 -6.62 3.12
N GLU A 213 -3.53 -7.95 3.04
CA GLU A 213 -2.47 -8.93 3.20
C GLU A 213 -1.72 -8.90 1.86
N LEU A 214 -0.41 -9.09 1.89
CA LEU A 214 0.34 -9.09 0.63
C LEU A 214 0.93 -10.46 0.38
N TYR A 215 0.87 -10.90 -0.88
CA TYR A 215 1.42 -12.20 -1.26
C TYR A 215 2.30 -12.01 -2.49
N PHE A 216 3.56 -12.39 -2.37
CA PHE A 216 4.54 -12.28 -3.44
C PHE A 216 5.01 -13.65 -3.87
N THR A 217 5.07 -13.86 -5.18
CA THR A 217 5.57 -15.11 -5.74
C THR A 217 6.52 -14.83 -6.89
N ASP A 218 7.49 -15.73 -7.08
CA ASP A 218 8.45 -15.63 -8.18
C ASP A 218 7.83 -16.16 -9.48
N THR A 219 6.69 -16.87 -9.37
CA THR A 219 5.93 -17.44 -10.48
C THR A 219 5.49 -16.30 -11.42
N LEU A 220 5.76 -16.48 -12.74
CA LEU A 220 5.39 -15.50 -13.76
C LEU A 220 3.88 -15.61 -13.97
N TRP A 221 3.19 -14.48 -14.22
CA TRP A 221 1.74 -14.45 -14.39
C TRP A 221 1.20 -15.55 -15.33
N PRO A 222 1.70 -15.76 -16.60
CA PRO A 222 1.11 -16.83 -17.44
C PRO A 222 1.17 -18.25 -16.86
N ASP A 223 2.04 -18.46 -15.86
CA ASP A 223 2.19 -19.74 -15.16
C ASP A 223 1.34 -19.81 -13.88
N PHE A 224 0.68 -18.68 -13.49
CA PHE A 224 -0.15 -18.61 -12.29
C PHE A 224 -1.48 -19.29 -12.60
N ASP A 225 -1.72 -20.43 -11.95
CA ASP A 225 -2.90 -21.28 -12.14
C ASP A 225 -3.68 -21.49 -10.85
N GLU A 226 -4.65 -22.45 -10.84
CA GLU A 226 -5.49 -22.81 -9.68
C GLU A 226 -4.62 -23.22 -8.49
N ALA A 227 -3.65 -24.13 -8.69
CA ALA A 227 -2.74 -24.57 -7.63
C ALA A 227 -2.02 -23.37 -6.97
N ALA A 228 -1.58 -22.39 -7.80
CA ALA A 228 -0.90 -21.18 -7.36
C ALA A 228 -1.85 -20.26 -6.58
N LEU A 229 -3.12 -20.14 -7.04
CA LEU A 229 -4.14 -19.35 -6.34
C LEU A 229 -4.46 -20.00 -4.99
N GLN A 230 -4.57 -21.34 -4.96
CA GLN A 230 -4.82 -22.09 -3.73
C GLN A 230 -3.69 -21.91 -2.71
N GLU A 231 -2.42 -21.77 -3.18
CA GLU A 231 -1.27 -21.51 -2.32
C GLU A 231 -1.43 -20.12 -1.70
N ALA A 232 -1.79 -19.11 -2.54
CA ALA A 232 -1.98 -17.73 -2.10
C ALA A 232 -3.09 -17.64 -1.04
N ILE A 233 -4.20 -18.36 -1.25
CA ILE A 233 -5.32 -18.45 -0.29
C ILE A 233 -4.82 -19.13 1.00
N LEU A 234 -4.02 -20.21 0.86
CA LEU A 234 -3.37 -20.95 1.95
C LEU A 234 -2.51 -20.00 2.79
N ALA A 235 -1.66 -19.17 2.14
CA ALA A 235 -0.80 -18.17 2.80
C ALA A 235 -1.64 -17.15 3.58
N TYR A 236 -2.75 -16.66 2.96
CA TYR A 236 -3.71 -15.69 3.54
C TYR A 236 -4.31 -16.19 4.87
N ASN A 237 -4.56 -17.50 4.94
CA ASN A 237 -5.13 -18.15 6.11
C ASN A 237 -4.20 -18.24 7.30
N ARG A 238 -2.89 -18.31 7.04
CA ARG A 238 -1.85 -18.45 8.07
C ARG A 238 -1.36 -17.09 8.61
N ARG A 239 -2.06 -16.01 8.24
CA ARG A 239 -1.76 -14.65 8.69
C ARG A 239 -2.56 -14.28 9.94
N HIS A 240 -2.01 -13.33 10.76
CA HIS A 240 -2.58 -12.76 12.00
C HIS A 240 -4.13 -12.70 12.03
N GLN B 12 24.71 4.58 -2.78
CA GLN B 12 24.39 3.15 -2.69
C GLN B 12 23.46 2.80 -1.48
N VAL B 13 22.72 3.78 -0.95
CA VAL B 13 21.76 3.54 0.14
C VAL B 13 20.41 4.21 -0.17
N PRO B 14 19.26 3.63 0.26
CA PRO B 14 17.98 4.35 0.07
C PRO B 14 17.97 5.66 0.89
N ALA B 15 17.60 6.76 0.23
CA ALA B 15 17.59 8.07 0.87
C ALA B 15 16.53 8.15 1.98
N HIS B 16 15.34 7.55 1.79
CA HIS B 16 14.26 7.58 2.77
C HIS B 16 13.77 6.17 3.04
N ILE B 17 13.84 5.74 4.31
CA ILE B 17 13.37 4.42 4.76
C ILE B 17 12.20 4.59 5.71
N GLY B 18 11.10 3.88 5.42
CA GLY B 18 9.93 3.81 6.29
C GLY B 18 10.03 2.54 7.10
N ILE B 19 9.72 2.59 8.41
CA ILE B 19 9.80 1.40 9.25
C ILE B 19 8.55 1.19 10.09
N ILE B 20 7.99 -0.02 10.04
CA ILE B 20 6.88 -0.46 10.89
C ILE B 20 7.57 -1.35 11.90
N MET B 21 7.71 -0.84 13.13
CA MET B 21 8.44 -1.46 14.23
C MET B 21 7.61 -2.48 15.04
N ASP B 22 7.21 -3.55 14.37
CA ASP B 22 6.40 -4.61 14.96
C ASP B 22 7.25 -5.63 15.71
N GLY B 23 6.61 -6.27 16.70
CA GLY B 23 7.20 -7.34 17.49
C GLY B 23 7.71 -6.97 18.86
N ASN B 24 7.41 -5.76 19.38
CA ASN B 24 7.84 -5.34 20.73
C ASN B 24 7.25 -6.24 21.82
N GLY B 25 5.93 -6.45 21.76
CA GLY B 25 5.21 -7.31 22.69
C GLY B 25 5.61 -8.77 22.60
N ARG B 26 5.82 -9.28 21.37
CA ARG B 26 6.21 -10.67 21.10
C ARG B 26 7.60 -10.95 21.68
N TRP B 27 8.51 -9.97 21.54
CA TRP B 27 9.87 -10.02 22.04
C TRP B 27 9.85 -10.11 23.58
N ALA B 28 8.99 -9.29 24.22
CA ALA B 28 8.83 -9.25 25.68
C ALA B 28 8.32 -10.59 26.17
N LYS B 29 7.30 -11.16 25.48
CA LYS B 29 6.65 -12.44 25.78
C LYS B 29 7.65 -13.60 25.75
N LYS B 30 8.47 -13.70 24.68
CA LYS B 30 9.52 -14.70 24.50
C LYS B 30 10.52 -14.63 25.65
N ARG B 31 10.56 -13.48 26.35
CA ARG B 31 11.48 -13.25 27.45
C ARG B 31 10.82 -13.26 28.84
N MET B 32 9.54 -13.73 28.94
CA MET B 32 8.76 -13.76 30.19
C MET B 32 8.72 -12.36 30.88
N GLN B 33 8.61 -11.30 30.07
CA GLN B 33 8.55 -9.94 30.61
C GLN B 33 7.21 -9.32 30.26
N PRO B 34 6.68 -8.33 31.03
CA PRO B 34 5.42 -7.68 30.61
C PRO B 34 5.61 -6.99 29.24
N ARG B 35 4.57 -7.02 28.38
CA ARG B 35 4.58 -6.43 27.00
C ARG B 35 5.21 -5.04 26.91
N VAL B 36 5.02 -4.19 27.94
CA VAL B 36 5.52 -2.82 28.06
C VAL B 36 7.04 -2.76 28.02
N PHE B 37 7.72 -3.80 28.53
CA PHE B 37 9.17 -3.85 28.53
C PHE B 37 9.71 -3.91 27.10
N GLY B 38 8.97 -4.59 26.22
CA GLY B 38 9.31 -4.70 24.81
C GLY B 38 9.39 -3.36 24.10
N HIS B 39 8.48 -2.43 24.45
CA HIS B 39 8.43 -1.08 23.90
C HIS B 39 9.64 -0.23 24.35
N LYS B 40 10.13 -0.46 25.59
CA LYS B 40 11.34 0.18 26.10
C LYS B 40 12.53 -0.35 25.29
N ALA B 41 12.56 -1.67 25.01
CA ALA B 41 13.59 -2.35 24.21
C ALA B 41 13.58 -1.89 22.74
N GLY B 42 12.41 -1.47 22.26
CA GLY B 42 12.20 -0.95 20.91
C GLY B 42 12.90 0.38 20.71
N MET B 43 12.98 1.20 21.79
CA MET B 43 13.69 2.50 21.82
C MET B 43 15.19 2.27 21.62
N GLU B 44 15.73 1.20 22.24
CA GLU B 44 17.14 0.81 22.09
C GLU B 44 17.44 0.43 20.64
N ALA B 45 16.55 -0.36 20.02
CA ALA B 45 16.69 -0.78 18.62
C ALA B 45 16.66 0.44 17.67
N LEU B 46 15.71 1.39 17.90
CA LEU B 46 15.60 2.59 17.09
C LEU B 46 16.86 3.44 17.24
N GLN B 47 17.39 3.56 18.49
CA GLN B 47 18.63 4.31 18.73
C GLN B 47 19.78 3.75 17.87
N THR B 48 19.96 2.41 17.89
CA THR B 48 20.99 1.68 17.12
C THR B 48 20.83 1.94 15.60
N VAL B 49 19.60 1.73 15.06
CA VAL B 49 19.25 1.88 13.66
C VAL B 49 19.42 3.33 13.20
N THR B 50 18.91 4.30 13.97
CA THR B 50 19.03 5.73 13.67
C THR B 50 20.50 6.17 13.54
N LYS B 51 21.35 5.80 14.53
CA LYS B 51 22.77 6.15 14.52
C LYS B 51 23.51 5.51 13.34
N ALA B 52 23.25 4.21 13.10
CA ALA B 52 23.89 3.46 12.01
C ALA B 52 23.45 3.94 10.63
N ALA B 53 22.15 4.22 10.44
CA ALA B 53 21.62 4.72 9.18
C ALA B 53 22.17 6.12 8.84
N ASN B 54 22.36 6.94 9.87
CA ASN B 54 22.96 8.27 9.74
C ASN B 54 24.41 8.18 9.20
N LYS B 55 25.21 7.23 9.74
CA LYS B 55 26.60 6.98 9.29
C LYS B 55 26.61 6.45 7.85
N LEU B 56 25.61 5.60 7.48
CA LEU B 56 25.49 4.98 6.17
C LEU B 56 25.09 5.95 5.03
N GLY B 57 24.52 7.11 5.37
CA GLY B 57 24.12 8.13 4.40
C GLY B 57 22.63 8.21 4.11
N VAL B 58 21.80 7.51 4.93
CA VAL B 58 20.33 7.54 4.82
C VAL B 58 19.91 8.96 5.23
N LYS B 59 19.04 9.58 4.43
CA LYS B 59 18.61 10.95 4.69
C LYS B 59 17.41 11.02 5.63
N VAL B 60 16.47 10.08 5.50
CA VAL B 60 15.25 10.08 6.29
C VAL B 60 14.90 8.67 6.77
N ILE B 61 14.41 8.57 8.01
CA ILE B 61 13.75 7.40 8.57
C ILE B 61 12.39 7.88 9.10
N THR B 62 11.29 7.36 8.55
CA THR B 62 9.95 7.62 9.08
C THR B 62 9.54 6.35 9.80
N VAL B 63 9.32 6.45 11.11
CA VAL B 63 8.94 5.28 11.90
C VAL B 63 7.46 5.32 12.29
N TYR B 64 6.78 4.17 12.22
CA TYR B 64 5.37 4.08 12.60
C TYR B 64 5.33 3.85 14.11
N ALA B 65 5.48 4.94 14.85
CA ALA B 65 5.57 4.91 16.31
C ALA B 65 4.25 4.71 17.00
N PHE B 66 3.17 5.36 16.53
CA PHE B 66 1.86 5.19 17.14
C PHE B 66 0.77 5.46 16.12
N SER B 67 -0.01 4.43 15.81
CA SER B 67 -1.13 4.50 14.88
C SER B 67 -2.40 4.91 15.62
N THR B 68 -3.43 5.29 14.85
CA THR B 68 -4.74 5.65 15.38
C THR B 68 -5.42 4.43 16.07
N GLU B 69 -5.14 3.19 15.58
CA GLU B 69 -5.64 1.92 16.12
C GLU B 69 -4.95 1.54 17.42
N ASN B 70 -3.76 2.12 17.72
CA ASN B 70 -3.05 1.80 18.95
C ASN B 70 -3.74 2.36 20.19
N TRP B 71 -4.64 3.36 20.05
CA TRP B 71 -5.40 3.92 21.16
C TRP B 71 -6.36 2.88 21.77
N THR B 72 -6.77 1.86 20.99
CA THR B 72 -7.68 0.77 21.40
C THR B 72 -7.01 -0.24 22.35
N ARG B 73 -5.67 -0.21 22.45
CA ARG B 73 -4.89 -1.08 23.35
C ARG B 73 -5.25 -0.76 24.82
N PRO B 74 -4.93 -1.63 25.82
CA PRO B 74 -5.28 -1.30 27.22
C PRO B 74 -4.70 0.03 27.69
N ASP B 75 -5.49 0.79 28.48
CA ASP B 75 -5.14 2.11 29.01
C ASP B 75 -3.74 2.20 29.64
N GLN B 76 -3.40 1.21 30.47
CA GLN B 76 -2.11 1.09 31.14
C GLN B 76 -0.95 0.98 30.12
N GLU B 77 -1.21 0.32 28.98
CA GLU B 77 -0.22 0.13 27.93
C GLU B 77 -0.02 1.45 27.13
N VAL B 78 -1.13 2.14 26.78
CA VAL B 78 -1.10 3.42 26.07
C VAL B 78 -0.39 4.48 26.91
N LYS B 79 -0.71 4.55 28.22
CA LYS B 79 -0.11 5.49 29.19
C LYS B 79 1.41 5.28 29.29
N PHE B 80 1.84 3.99 29.37
CA PHE B 80 3.25 3.62 29.43
C PHE B 80 3.98 4.06 28.17
N ILE B 81 3.42 3.73 26.99
CA ILE B 81 3.96 4.09 25.68
C ILE B 81 4.13 5.60 25.55
N MET B 82 3.07 6.37 25.90
CA MET B 82 3.05 7.83 25.86
C MET B 82 4.10 8.47 26.77
N ASN B 83 4.43 7.79 27.86
CA ASN B 83 5.41 8.26 28.86
C ASN B 83 6.87 8.02 28.47
N LEU B 84 7.13 7.07 27.55
CA LEU B 84 8.50 6.73 27.10
C LEU B 84 9.33 7.98 26.66
N PRO B 85 8.89 8.86 25.72
CA PRO B 85 9.73 10.06 25.40
C PRO B 85 9.82 11.08 26.55
N VAL B 86 8.84 11.04 27.48
CA VAL B 86 8.79 11.94 28.63
C VAL B 86 9.85 11.55 29.67
N GLU B 87 9.81 10.28 30.13
CA GLU B 87 10.72 9.75 31.14
C GLU B 87 12.14 9.46 30.63
N PHE B 88 12.28 8.98 29.39
CA PHE B 88 13.59 8.56 28.88
C PHE B 88 14.22 9.52 27.85
N TYR B 89 13.80 10.80 27.87
CA TYR B 89 14.29 11.87 26.99
C TYR B 89 15.82 11.98 27.05
N ASP B 90 16.39 12.10 28.26
CA ASP B 90 17.83 12.25 28.50
C ASP B 90 18.66 11.04 28.05
N ASN B 91 18.05 9.86 28.00
CA ASN B 91 18.68 8.60 27.61
C ASN B 91 18.95 8.47 26.11
N TYR B 92 18.17 9.18 25.28
CA TYR B 92 18.30 9.05 23.83
C TYR B 92 18.55 10.36 23.07
N VAL B 93 17.76 11.42 23.34
CA VAL B 93 17.77 12.70 22.61
C VAL B 93 19.16 13.38 22.64
N PRO B 94 19.86 13.65 23.79
CA PRO B 94 21.18 14.30 23.70
C PRO B 94 22.18 13.54 22.83
N GLU B 95 22.12 12.19 22.83
CA GLU B 95 22.99 11.35 22.01
C GLU B 95 22.65 11.48 20.53
N LEU B 96 21.35 11.51 20.17
CA LEU B 96 20.95 11.69 18.77
C LEU B 96 21.38 13.07 18.27
N HIS B 97 21.23 14.11 19.12
CA HIS B 97 21.65 15.47 18.81
C HIS B 97 23.17 15.55 18.62
N ALA B 98 23.93 14.83 19.47
CA ALA B 98 25.40 14.77 19.33
C ALA B 98 25.78 14.05 18.02
N ASN B 99 24.88 13.21 17.51
CA ASN B 99 25.07 12.48 16.26
C ASN B 99 24.59 13.25 15.01
N ASN B 100 24.15 14.53 15.19
CA ASN B 100 23.68 15.43 14.12
C ASN B 100 22.40 14.91 13.47
N VAL B 101 21.56 14.22 14.27
CA VAL B 101 20.29 13.68 13.80
C VAL B 101 19.20 14.72 14.05
N LYS B 102 18.32 14.97 13.06
CA LYS B 102 17.23 15.93 13.22
C LYS B 102 15.95 15.19 13.56
N ILE B 103 15.29 15.55 14.68
CA ILE B 103 14.05 14.89 15.12
C ILE B 103 12.83 15.69 14.66
N GLN B 104 11.87 15.02 14.01
CA GLN B 104 10.61 15.59 13.54
C GLN B 104 9.51 14.61 13.81
N MET B 105 8.26 15.04 13.68
CA MET B 105 7.10 14.17 13.83
C MET B 105 6.02 14.50 12.81
N ILE B 106 5.20 13.51 12.47
CA ILE B 106 4.05 13.63 11.58
C ILE B 106 2.85 12.94 12.23
N GLY B 107 1.65 13.38 11.90
CA GLY B 107 0.41 12.82 12.42
C GLY B 107 -0.45 13.87 13.08
N GLU B 108 -1.58 13.45 13.68
CA GLU B 108 -2.50 14.32 14.41
C GLU B 108 -1.94 14.44 15.84
N THR B 109 -0.74 15.05 15.91
CA THR B 109 0.10 15.18 17.10
C THR B 109 -0.48 16.12 18.18
N ASP B 110 -1.57 16.85 17.87
CA ASP B 110 -2.22 17.74 18.83
C ASP B 110 -3.05 16.94 19.84
N ARG B 111 -3.40 15.70 19.47
CA ARG B 111 -4.19 14.77 20.28
C ARG B 111 -3.31 13.94 21.25
N LEU B 112 -1.99 14.17 21.24
CA LEU B 112 -1.06 13.49 22.15
C LEU B 112 -1.17 14.10 23.57
N PRO B 113 -0.93 13.33 24.67
CA PRO B 113 -0.98 13.94 26.01
C PRO B 113 0.04 15.09 26.11
N LYS B 114 -0.34 16.18 26.83
CA LYS B 114 0.45 17.41 27.01
C LYS B 114 1.95 17.16 27.19
N GLN B 115 2.33 16.24 28.10
CA GLN B 115 3.71 15.90 28.43
C GLN B 115 4.45 15.25 27.28
N THR B 116 3.77 14.37 26.53
CA THR B 116 4.31 13.65 25.37
C THR B 116 4.66 14.66 24.27
N PHE B 117 3.70 15.52 23.92
CA PHE B 117 3.84 16.57 22.92
C PHE B 117 4.99 17.51 23.29
N GLU B 118 5.09 17.88 24.56
CA GLU B 118 6.13 18.75 25.11
C GLU B 118 7.50 18.11 24.94
N ALA B 119 7.62 16.80 25.23
CA ALA B 119 8.88 16.05 25.10
C ALA B 119 9.33 15.99 23.64
N LEU B 120 8.39 15.73 22.70
CA LEU B 120 8.67 15.68 21.26
C LEU B 120 9.04 17.07 20.73
N THR B 121 8.32 18.13 21.13
CA THR B 121 8.58 19.53 20.75
C THR B 121 9.96 19.98 21.25
N LYS B 122 10.32 19.63 22.49
CA LYS B 122 11.64 19.94 23.08
C LYS B 122 12.76 19.32 22.21
N ALA B 123 12.58 18.03 21.77
CA ALA B 123 13.51 17.28 20.93
C ALA B 123 13.62 17.87 19.52
N GLU B 124 12.47 18.36 18.95
CA GLU B 124 12.42 19.02 17.65
C GLU B 124 13.25 20.29 17.71
N GLU B 125 12.97 21.15 18.72
CA GLU B 125 13.63 22.45 18.93
C GLU B 125 15.11 22.33 19.15
N LEU B 126 15.54 21.27 19.85
CA LEU B 126 16.95 21.00 20.11
C LEU B 126 17.73 20.68 18.84
N THR B 127 17.17 19.80 18.00
CA THR B 127 17.80 19.26 16.81
C THR B 127 17.43 19.96 15.51
N LYS B 128 16.64 21.06 15.53
CA LYS B 128 16.13 21.72 14.31
C LYS B 128 17.19 22.20 13.30
N ASN B 129 18.42 22.49 13.74
CA ASN B 129 19.53 22.96 12.89
C ASN B 129 20.41 21.82 12.39
N ASN B 130 20.15 20.58 12.85
CA ASN B 130 20.95 19.42 12.51
C ASN B 130 20.81 19.05 11.05
N THR B 131 21.94 18.75 10.41
CA THR B 131 22.05 18.49 8.97
C THR B 131 22.18 17.01 8.57
N GLY B 132 22.15 16.12 9.55
CA GLY B 132 22.22 14.68 9.29
C GLY B 132 20.86 14.09 9.03
N LEU B 133 20.73 12.78 9.29
CA LEU B 133 19.51 12.01 9.08
C LEU B 133 18.33 12.64 9.81
N ILE B 134 17.15 12.66 9.17
CA ILE B 134 15.92 13.14 9.78
C ILE B 134 15.19 11.90 10.34
N LEU B 135 15.01 11.84 11.67
CA LEU B 135 14.26 10.78 12.31
C LEU B 135 12.88 11.35 12.50
N ASN B 136 11.95 10.82 11.71
CA ASN B 136 10.59 11.31 11.61
C ASN B 136 9.60 10.34 12.23
N PHE B 137 9.03 10.72 13.40
CA PHE B 137 8.05 9.91 14.15
C PHE B 137 6.61 10.10 13.64
N ALA B 138 5.98 9.04 13.12
CA ALA B 138 4.57 9.06 12.74
C ALA B 138 3.78 8.70 14.01
N LEU B 139 3.15 9.72 14.61
CA LEU B 139 2.47 9.66 15.92
C LEU B 139 1.04 10.08 15.79
N ASN B 140 0.14 9.22 16.27
CA ASN B 140 -1.32 9.34 16.12
C ASN B 140 -1.52 9.51 14.60
N TYR B 141 -0.95 8.55 13.85
CA TYR B 141 -0.93 8.58 12.41
C TYR B 141 -1.75 7.43 11.78
N GLY B 142 -2.48 7.78 10.73
CA GLY B 142 -3.24 6.90 9.86
C GLY B 142 -3.16 7.49 8.46
N GLY B 143 -2.78 6.66 7.49
CA GLY B 143 -2.63 7.09 6.10
C GLY B 143 -3.87 7.68 5.46
N ARG B 144 -5.03 6.97 5.58
CA ARG B 144 -6.29 7.44 5.04
C ARG B 144 -6.74 8.75 5.70
N ALA B 145 -6.53 8.89 7.04
CA ALA B 145 -6.85 10.09 7.82
C ALA B 145 -5.97 11.28 7.36
N GLU B 146 -4.70 11.00 7.04
CA GLU B 146 -3.75 11.99 6.50
C GLU B 146 -4.26 12.50 5.14
N ILE B 147 -4.64 11.58 4.23
CA ILE B 147 -5.20 11.95 2.92
C ILE B 147 -6.50 12.75 3.08
N THR B 148 -7.36 12.31 4.01
CA THR B 148 -8.64 12.95 4.31
C THR B 148 -8.46 14.41 4.74
N GLN B 149 -7.55 14.67 5.71
CA GLN B 149 -7.30 16.02 6.19
C GLN B 149 -6.69 16.90 5.09
N ALA B 150 -5.88 16.31 4.19
CA ALA B 150 -5.28 17.02 3.06
C ALA B 150 -6.38 17.45 2.09
N LEU B 151 -7.29 16.50 1.75
CA LEU B 151 -8.42 16.65 0.82
C LEU B 151 -9.48 17.61 1.37
N LYS B 152 -9.58 17.70 2.71
CA LYS B 152 -10.49 18.59 3.42
C LYS B 152 -9.95 20.04 3.31
N LEU B 153 -8.65 20.24 3.59
CA LEU B 153 -7.92 21.50 3.52
C LEU B 153 -7.88 22.09 2.11
N ILE B 154 -7.66 21.23 1.09
CA ILE B 154 -7.63 21.65 -0.32
C ILE B 154 -9.02 22.17 -0.68
N SER B 155 -10.08 21.50 -0.22
CA SER B 155 -11.45 21.91 -0.45
C SER B 155 -11.75 23.25 0.19
N GLN B 156 -11.27 23.48 1.44
CA GLN B 156 -11.45 24.75 2.14
C GLN B 156 -10.71 25.86 1.39
N ASP B 157 -9.46 25.58 0.95
CA ASP B 157 -8.65 26.52 0.18
C ASP B 157 -9.30 26.89 -1.17
N VAL B 158 -9.99 25.92 -1.80
CA VAL B 158 -10.72 26.09 -3.07
C VAL B 158 -11.94 27.01 -2.83
N LEU B 159 -12.71 26.73 -1.75
CA LEU B 159 -13.88 27.49 -1.29
C LEU B 159 -13.47 28.95 -0.90
N ASP B 160 -12.29 29.11 -0.28
CA ASP B 160 -11.72 30.40 0.14
C ASP B 160 -10.97 31.13 -1.01
N ALA B 161 -10.99 30.54 -2.23
CA ALA B 161 -10.37 31.04 -3.47
C ALA B 161 -8.82 31.21 -3.39
N LYS B 162 -8.16 30.57 -2.41
CA LYS B 162 -6.70 30.59 -2.24
C LYS B 162 -6.00 29.81 -3.38
N ILE B 163 -6.71 28.79 -3.92
CA ILE B 163 -6.33 27.95 -5.06
C ILE B 163 -7.60 27.70 -5.86
N ASN B 164 -7.48 27.36 -7.17
CA ASN B 164 -8.66 27.03 -7.99
C ASN B 164 -8.78 25.50 -8.13
N PRO B 165 -9.91 24.90 -8.62
CA PRO B 165 -9.94 23.42 -8.70
C PRO B 165 -9.00 22.83 -9.77
N GLY B 166 -8.50 23.69 -10.66
CA GLY B 166 -7.54 23.32 -11.71
C GLY B 166 -6.14 23.14 -11.16
N ASP B 167 -5.92 23.62 -9.91
CA ASP B 167 -4.66 23.50 -9.19
C ASP B 167 -4.55 22.14 -8.54
N ILE B 168 -5.69 21.41 -8.43
CA ILE B 168 -5.75 20.07 -7.84
C ILE B 168 -5.00 19.05 -8.70
N THR B 169 -3.82 18.64 -8.23
CA THR B 169 -2.93 17.70 -8.91
C THR B 169 -2.30 16.80 -7.85
N GLU B 170 -1.60 15.75 -8.29
CA GLU B 170 -0.86 14.86 -7.41
C GLU B 170 0.19 15.65 -6.63
N GLU B 171 0.89 16.59 -7.31
CA GLU B 171 1.93 17.45 -6.72
C GLU B 171 1.35 18.30 -5.58
N LEU B 172 0.16 18.92 -5.79
CA LEU B 172 -0.53 19.71 -4.77
C LEU B 172 -0.83 18.85 -3.53
N ILE B 173 -1.43 17.64 -3.74
CA ILE B 173 -1.78 16.72 -2.66
C ILE B 173 -0.58 16.43 -1.75
N GLY B 174 0.58 16.15 -2.37
CA GLY B 174 1.86 15.92 -1.70
C GLY B 174 2.28 17.06 -0.78
N ASN B 175 1.95 18.31 -1.20
CA ASN B 175 2.23 19.52 -0.42
C ASN B 175 1.28 19.69 0.76
N TYR B 176 0.18 18.93 0.80
CA TYR B 176 -0.81 19.00 1.89
C TYR B 176 -0.74 17.81 2.83
N LEU B 177 0.09 16.80 2.48
CA LEU B 177 0.26 15.62 3.33
C LEU B 177 1.14 15.99 4.52
N PHE B 178 1.18 15.17 5.58
CA PHE B 178 2.00 15.45 6.77
C PHE B 178 3.48 15.54 6.46
N THR B 179 3.92 14.84 5.39
CA THR B 179 5.29 14.74 4.89
C THR B 179 5.75 15.98 4.10
N GLN B 180 4.87 16.98 3.92
CA GLN B 180 5.18 18.22 3.22
C GLN B 180 6.46 18.95 3.76
N HIS B 181 6.78 18.82 5.07
CA HIS B 181 7.95 19.48 5.69
C HIS B 181 9.27 18.77 5.41
N LEU B 182 9.21 17.55 4.81
CA LEU B 182 10.44 16.86 4.43
C LEU B 182 10.88 17.49 3.12
N PRO B 183 12.20 17.62 2.83
CA PRO B 183 12.60 18.18 1.52
C PRO B 183 11.87 17.46 0.38
N LYS B 184 11.46 18.20 -0.65
CA LYS B 184 10.67 17.75 -1.81
C LYS B 184 11.06 16.38 -2.38
N ASP B 185 12.36 16.14 -2.58
CA ASP B 185 12.85 14.89 -3.18
C ASP B 185 12.97 13.74 -2.23
N LEU B 186 12.72 13.97 -0.94
CA LEU B 186 12.83 13.00 0.15
C LEU B 186 11.49 12.63 0.80
N ARG B 187 10.36 13.20 0.36
CA ARG B 187 9.05 12.94 0.96
C ARG B 187 8.57 11.51 0.88
N ASP B 188 8.95 10.80 -0.17
CA ASP B 188 8.50 9.43 -0.39
C ASP B 188 9.55 8.40 0.00
N PRO B 189 9.16 7.37 0.79
CA PRO B 189 10.15 6.32 1.14
C PRO B 189 10.57 5.51 -0.10
N ASP B 190 11.85 5.21 -0.19
CA ASP B 190 12.40 4.38 -1.27
C ASP B 190 12.26 2.92 -0.85
N LEU B 191 12.26 2.67 0.47
CA LEU B 191 12.20 1.35 1.08
C LEU B 191 11.31 1.38 2.32
N ILE B 192 10.43 0.39 2.46
CA ILE B 192 9.59 0.22 3.65
C ILE B 192 9.93 -1.13 4.26
N ILE B 193 10.43 -1.10 5.50
CA ILE B 193 10.78 -2.27 6.31
C ILE B 193 9.65 -2.58 7.26
N ARG B 194 9.31 -3.87 7.37
CA ARG B 194 8.36 -4.37 8.34
C ARG B 194 8.93 -5.61 9.02
N THR B 195 9.04 -5.56 10.35
CA THR B 195 9.55 -6.62 11.22
C THR B 195 8.40 -7.46 11.77
N SER B 196 8.74 -8.60 12.44
CA SER B 196 7.82 -9.53 13.09
C SER B 196 6.95 -10.38 12.12
N GLY B 197 7.41 -10.52 10.87
CA GLY B 197 6.79 -11.40 9.88
C GLY B 197 5.45 -11.09 9.27
N GLU B 198 4.84 -9.95 9.60
CA GLU B 198 3.55 -9.62 9.00
C GLU B 198 3.76 -9.02 7.59
N LEU B 199 3.09 -9.59 6.60
CA LEU B 199 3.19 -9.15 5.20
C LEU B 199 1.95 -8.34 4.82
N ARG B 200 1.93 -7.04 5.22
CA ARG B 200 0.87 -6.02 5.03
C ARG B 200 1.35 -4.62 5.44
N LEU B 201 0.67 -3.54 4.96
CA LEU B 201 1.10 -2.15 5.18
C LEU B 201 0.48 -1.45 6.41
N SER B 202 -0.72 -1.86 6.85
CA SER B 202 -1.37 -1.28 8.05
C SER B 202 -1.56 0.25 7.99
N ASN B 203 -1.95 0.78 6.81
CA ASN B 203 -2.27 2.20 6.62
C ASN B 203 -1.09 3.18 6.88
N PHE B 204 0.13 2.70 6.67
CA PHE B 204 1.35 3.47 6.79
C PHE B 204 1.72 4.02 5.43
N LEU B 205 1.76 5.36 5.32
CA LEU B 205 2.17 6.15 4.13
C LEU B 205 1.61 5.61 2.80
N PRO B 206 0.27 5.37 2.67
CA PRO B 206 -0.25 4.81 1.43
C PRO B 206 0.04 5.62 0.17
N TRP B 207 -0.05 6.95 0.24
CA TRP B 207 0.25 7.81 -0.90
C TRP B 207 1.76 7.85 -1.21
N GLN B 208 2.58 8.21 -0.21
CA GLN B 208 4.04 8.39 -0.31
C GLN B 208 4.77 7.09 -0.62
N GLY B 209 4.25 5.98 -0.10
CA GLY B 209 4.82 4.65 -0.30
C GLY B 209 4.27 3.88 -1.48
N ALA B 210 3.48 4.52 -2.35
CA ALA B 210 2.85 3.85 -3.50
C ALA B 210 3.84 3.14 -4.46
N TYR B 211 5.10 3.57 -4.50
CA TYR B 211 6.10 2.96 -5.38
C TYR B 211 7.27 2.36 -4.62
N SER B 212 7.22 2.38 -3.27
CA SER B 212 8.34 1.92 -2.44
C SER B 212 8.66 0.46 -2.64
N GLU B 213 9.94 0.14 -2.45
CA GLU B 213 10.36 -1.25 -2.40
C GLU B 213 9.95 -1.73 -0.98
N LEU B 214 9.54 -2.98 -0.82
CA LEU B 214 9.10 -3.49 0.49
C LEU B 214 10.03 -4.56 0.97
N TYR B 215 10.34 -4.51 2.27
CA TYR B 215 11.24 -5.49 2.89
C TYR B 215 10.58 -6.03 4.12
N PHE B 216 10.40 -7.35 4.14
CA PHE B 216 9.78 -8.04 5.26
C PHE B 216 10.77 -8.96 5.91
N THR B 217 10.82 -8.92 7.24
CA THR B 217 11.67 -9.79 8.01
C THR B 217 10.90 -10.39 9.18
N ASP B 218 11.26 -11.62 9.57
CA ASP B 218 10.65 -12.30 10.71
C ASP B 218 11.26 -11.80 12.02
N THR B 219 12.41 -11.07 11.93
CA THR B 219 13.12 -10.47 13.07
C THR B 219 12.19 -9.51 13.79
N LEU B 220 12.11 -9.64 15.13
CA LEU B 220 11.29 -8.78 15.97
C LEU B 220 12.00 -7.43 16.09
N TRP B 221 11.23 -6.32 16.12
CA TRP B 221 11.81 -4.98 16.17
C TRP B 221 12.93 -4.81 17.22
N PRO B 222 12.77 -5.16 18.53
CA PRO B 222 13.89 -4.96 19.48
C PRO B 222 15.21 -5.65 19.10
N ASP B 223 15.16 -6.66 18.21
CA ASP B 223 16.31 -7.42 17.72
C ASP B 223 16.85 -6.86 16.40
N PHE B 224 16.15 -5.84 15.82
CA PHE B 224 16.58 -5.22 14.57
C PHE B 224 17.72 -4.26 14.88
N ASP B 225 18.92 -4.59 14.39
CA ASP B 225 20.16 -3.86 14.63
C ASP B 225 20.83 -3.38 13.32
N GLU B 226 22.12 -2.92 13.41
CA GLU B 226 22.93 -2.45 12.27
C GLU B 226 23.07 -3.53 11.20
N ALA B 227 23.44 -4.75 11.60
CA ALA B 227 23.57 -5.88 10.68
C ALA B 227 22.26 -6.13 9.91
N ALA B 228 21.10 -6.02 10.60
CA ALA B 228 19.77 -6.19 10.03
C ALA B 228 19.45 -5.06 9.06
N LEU B 229 19.81 -3.81 9.41
CA LEU B 229 19.61 -2.66 8.52
C LEU B 229 20.49 -2.80 7.26
N GLN B 230 21.75 -3.25 7.43
CA GLN B 230 22.66 -3.51 6.32
C GLN B 230 22.13 -4.59 5.38
N GLU B 231 21.39 -5.59 5.91
CA GLU B 231 20.76 -6.65 5.10
C GLU B 231 19.64 -6.02 4.27
N ALA B 232 18.80 -5.20 4.90
CA ALA B 232 17.67 -4.52 4.28
C ALA B 232 18.16 -3.61 3.14
N ILE B 233 19.28 -2.91 3.36
CA ILE B 233 19.92 -2.04 2.37
C ILE B 233 20.53 -2.88 1.23
N LEU B 234 21.20 -3.98 1.58
CA LEU B 234 21.80 -4.91 0.63
C LEU B 234 20.72 -5.48 -0.31
N ALA B 235 19.61 -6.01 0.24
CA ALA B 235 18.48 -6.53 -0.54
C ALA B 235 17.88 -5.43 -1.47
N TYR B 236 17.71 -4.20 -0.93
CA TYR B 236 17.19 -3.05 -1.66
C TYR B 236 18.03 -2.76 -2.91
N ASN B 237 19.37 -2.71 -2.75
CA ASN B 237 20.30 -2.44 -3.85
C ASN B 237 20.33 -3.55 -4.89
N ARG B 238 19.98 -4.77 -4.48
CA ARG B 238 19.88 -5.97 -5.35
C ARG B 238 18.59 -5.93 -6.21
N ARG B 239 17.59 -5.13 -5.82
CA ARG B 239 16.31 -4.99 -6.56
C ARG B 239 16.50 -4.29 -7.90
N HIS B 240 17.53 -3.44 -8.00
CA HIS B 240 17.90 -2.62 -9.16
C HIS B 240 19.00 -3.30 -10.05
#